data_3W5J
#
_entry.id   3W5J
#
_cell.length_a   45.760
_cell.length_b   84.040
_cell.length_c   95.450
_cell.angle_alpha   90.000
_cell.angle_beta   90.000
_cell.angle_gamma   90.000
#
_symmetry.space_group_name_H-M   'P 21 21 21'
#
loop_
_entity.id
_entity.type
_entity.pdbx_description
1 polymer 'Ferrous iron transport protein B'
2 non-polymer "GUANOSINE-5'-DIPHOSPHATE"
3 non-polymer GLYCEROL
4 non-polymer 'SULFATE ION'
5 water water
#
_entity_poly.entity_id   1
_entity_poly.type   'polypeptide(L)'
_entity_poly.pdbx_seq_one_letter_code
;GQFKRIALLGMPNTGKSTLFNRMTGGAARVGNWPGITVELLSGKILLGADMVEIIDLPGIYDLHGFSDDEQVVRHFLHDN
VPDLALVILNATQIERQMSLLLQLKQLNMNIVVLLNMSDEAKQYGITIDSRKMSELLQIPVFQLSGKYGTGYQEALQAVT
RALRYPTPGMAENVRTQLEQDEHIEAEMVRILKSAVQIPARLPE
;
_entity_poly.pdbx_strand_id   A,B
#
# COMPACT_ATOMS: atom_id res chain seq x y z
N GLN A 2 -13.95 -27.45 -4.87
CA GLN A 2 -13.94 -28.12 -6.23
C GLN A 2 -14.37 -27.22 -7.40
N PHE A 3 -15.05 -26.13 -7.10
CA PHE A 3 -15.59 -25.27 -8.16
C PHE A 3 -14.69 -24.07 -8.42
N LYS A 4 -14.77 -23.53 -9.63
CA LYS A 4 -14.02 -22.31 -9.91
C LYS A 4 -14.47 -21.18 -8.99
N ARG A 5 -13.52 -20.33 -8.62
CA ARG A 5 -13.73 -19.27 -7.66
C ARG A 5 -13.74 -17.88 -8.30
N ILE A 6 -14.80 -17.13 -8.00
CA ILE A 6 -14.93 -15.72 -8.33
C ILE A 6 -14.83 -14.93 -7.04
N ALA A 7 -13.83 -14.06 -6.96
CA ALA A 7 -13.61 -13.17 -5.82
C ALA A 7 -14.14 -11.77 -6.13
N LEU A 8 -14.94 -11.20 -5.25
CA LEU A 8 -15.40 -9.84 -5.37
C LEU A 8 -14.40 -8.98 -4.65
N LEU A 9 -13.86 -8.00 -5.38
CA LEU A 9 -12.78 -7.16 -4.93
C LEU A 9 -13.20 -5.71 -5.20
N GLY A 10 -12.94 -4.86 -4.21
CA GLY A 10 -13.16 -3.44 -4.43
C GLY A 10 -12.84 -2.74 -3.15
N MET A 11 -13.05 -1.43 -3.16
CA MET A 11 -12.87 -0.62 -1.99
C MET A 11 -14.05 -0.79 -1.04
N PRO A 12 -13.94 -0.28 0.20
CA PRO A 12 -15.09 -0.38 1.10
C PRO A 12 -16.34 0.33 0.58
N ASN A 13 -17.53 -0.21 0.91
CA ASN A 13 -18.81 0.42 0.58
C ASN A 13 -18.95 0.70 -0.91
N THR A 14 -18.59 -0.27 -1.73
CA THR A 14 -18.72 -0.17 -3.20
C THR A 14 -19.87 -1.03 -3.72
N GLY A 15 -20.62 -1.66 -2.83
CA GLY A 15 -21.83 -2.39 -3.23
C GLY A 15 -21.61 -3.89 -3.39
N LYS A 16 -20.53 -4.36 -2.80
CA LYS A 16 -20.13 -5.77 -2.91
C LYS A 16 -21.11 -6.71 -2.26
N SER A 17 -21.54 -6.43 -1.03
CA SER A 17 -22.45 -7.34 -0.34
C SER A 17 -23.78 -7.35 -1.06
N THR A 18 -24.16 -6.18 -1.60
CA THR A 18 -25.40 -6.00 -2.35
C THR A 18 -25.40 -6.83 -3.63
N LEU A 19 -24.31 -6.76 -4.37
CA LEU A 19 -24.14 -7.59 -5.56
C LEU A 19 -24.13 -9.08 -5.18
N PHE A 20 -23.45 -9.41 -4.09
CA PHE A 20 -23.45 -10.78 -3.61
C PHE A 20 -24.86 -11.30 -3.38
N ASN A 21 -25.70 -10.54 -2.65
CA ASN A 21 -27.09 -10.91 -2.40
C ASN A 21 -27.88 -11.08 -3.70
N ARG A 22 -27.69 -10.18 -4.66
CA ARG A 22 -28.32 -10.28 -5.98
C ARG A 22 -27.92 -11.58 -6.73
N MET A 23 -26.64 -11.90 -6.70
CA MET A 23 -26.14 -13.09 -7.39
C MET A 23 -26.60 -14.40 -6.76
N THR A 24 -26.57 -14.47 -5.43
CA THR A 24 -26.84 -15.69 -4.71
C THR A 24 -28.26 -15.78 -4.11
N GLY A 25 -28.92 -14.65 -3.91
CA GLY A 25 -30.20 -14.63 -3.21
C GLY A 25 -30.08 -14.87 -1.72
N GLY A 26 -28.85 -14.87 -1.20
CA GLY A 26 -28.64 -15.14 0.22
C GLY A 26 -27.56 -14.30 0.86
N ALA A 27 -27.20 -14.66 2.09
CA ALA A 27 -26.13 -14.02 2.84
C ALA A 27 -25.34 -15.09 3.59
N ALA A 28 -24.99 -16.16 2.89
CA ALA A 28 -24.25 -17.27 3.50
C ALA A 28 -22.83 -16.81 3.82
N ARG A 29 -22.35 -17.15 5.01
CA ARG A 29 -20.97 -16.86 5.41
C ARG A 29 -20.22 -18.18 5.57
N VAL A 30 -18.99 -18.20 5.08
CA VAL A 30 -18.19 -19.41 5.06
C VAL A 30 -16.81 -19.09 5.64
N GLY A 31 -16.37 -19.95 6.58
CA GLY A 31 -15.05 -19.89 7.15
C GLY A 31 -14.20 -21.09 6.73
N ASN A 32 -13.13 -21.32 7.49
CA ASN A 32 -12.14 -22.36 7.19
C ASN A 32 -11.50 -22.24 5.80
N TRP A 33 -11.26 -21.00 5.36
CA TRP A 33 -10.51 -20.75 4.13
C TRP A 33 -9.02 -20.92 4.41
N PRO A 34 -8.30 -21.59 3.51
CA PRO A 34 -6.85 -21.64 3.61
C PRO A 34 -6.25 -20.27 3.74
N GLY A 35 -5.44 -20.07 4.75
CA GLY A 35 -4.65 -18.86 4.90
C GLY A 35 -5.22 -17.76 5.79
N ILE A 36 -6.51 -17.83 6.10
CA ILE A 36 -7.19 -16.79 6.87
C ILE A 36 -8.13 -17.44 7.86
N THR A 37 -8.43 -16.73 8.94
CA THR A 37 -9.32 -17.27 9.97
C THR A 37 -10.73 -16.69 9.89
N VAL A 38 -10.89 -15.63 9.11
CA VAL A 38 -12.14 -14.88 9.05
C VAL A 38 -13.19 -15.61 8.20
N GLU A 39 -14.43 -15.46 8.60
CA GLU A 39 -15.56 -15.93 7.81
C GLU A 39 -15.96 -14.88 6.79
N LEU A 40 -16.23 -15.29 5.55
CA LEU A 40 -16.59 -14.35 4.49
C LEU A 40 -17.92 -14.73 3.81
N LEU A 41 -18.66 -13.73 3.33
CA LEU A 41 -19.85 -13.96 2.51
C LEU A 41 -19.42 -14.75 1.30
N SER A 42 -20.02 -15.91 1.14
CA SER A 42 -19.65 -16.83 0.08
C SER A 42 -20.81 -17.72 -0.26
N GLY A 43 -20.98 -18.02 -1.55
CA GLY A 43 -22.08 -18.86 -2.00
C GLY A 43 -21.79 -19.38 -3.39
N LYS A 44 -22.40 -20.52 -3.72
CA LYS A 44 -22.25 -21.11 -5.04
C LYS A 44 -23.51 -20.92 -5.87
N ILE A 45 -23.30 -20.60 -7.14
CA ILE A 45 -24.38 -20.32 -8.05
C ILE A 45 -24.22 -21.14 -9.32
N LEU A 46 -25.34 -21.39 -9.99
CA LEU A 46 -25.32 -21.90 -11.34
C LEU A 46 -25.15 -20.74 -12.27
N LEU A 47 -24.15 -20.85 -13.13
CA LEU A 47 -23.82 -19.86 -14.12
C LEU A 47 -23.79 -20.66 -15.41
N GLY A 48 -24.86 -20.55 -16.19
CA GLY A 48 -25.08 -21.48 -17.30
C GLY A 48 -25.17 -22.89 -16.76
N ALA A 49 -24.41 -23.80 -17.33
CA ALA A 49 -24.46 -25.22 -16.99
C ALA A 49 -23.56 -25.57 -15.81
N ASP A 50 -22.73 -24.63 -15.37
CA ASP A 50 -21.71 -24.91 -14.38
C ASP A 50 -22.01 -24.28 -13.03
N MET A 51 -21.38 -24.77 -11.97
CA MET A 51 -21.54 -24.21 -10.65
C MET A 51 -20.25 -23.50 -10.34
N VAL A 52 -20.37 -22.27 -9.83
CA VAL A 52 -19.21 -21.48 -9.51
C VAL A 52 -19.39 -20.90 -8.10
N GLU A 53 -18.27 -20.62 -7.46
CA GLU A 53 -18.25 -20.18 -6.07
C GLU A 53 -17.84 -18.72 -6.03
N ILE A 54 -18.67 -17.91 -5.36
CA ILE A 54 -18.43 -16.48 -5.20
C ILE A 54 -17.97 -16.21 -3.76
N ILE A 55 -16.94 -15.39 -3.60
CA ILE A 55 -16.45 -15.04 -2.24
C ILE A 55 -16.29 -13.55 -2.24
N ASP A 56 -16.95 -12.89 -1.29
CA ASP A 56 -16.83 -11.44 -1.15
C ASP A 56 -15.64 -11.11 -0.25
N LEU A 57 -14.60 -10.49 -0.80
CA LEU A 57 -13.39 -10.24 -0.01
C LEU A 57 -13.52 -8.89 0.69
N PRO A 58 -12.89 -8.75 1.87
CA PRO A 58 -12.93 -7.45 2.56
C PRO A 58 -12.61 -6.29 1.63
N GLY A 59 -13.35 -5.20 1.76
CA GLY A 59 -12.99 -3.96 1.03
C GLY A 59 -11.68 -3.34 1.50
N ILE A 60 -10.82 -2.94 0.56
CA ILE A 60 -9.50 -2.44 0.91
C ILE A 60 -9.13 -1.24 0.05
N TYR A 61 -8.18 -0.43 0.54
CA TYR A 61 -7.70 0.74 -0.20
C TYR A 61 -6.35 0.55 -0.91
N ASP A 62 -5.47 -0.29 -0.36
CA ASP A 62 -4.13 -0.51 -0.95
C ASP A 62 -3.79 -1.96 -0.95
N LEU A 63 -3.71 -2.55 -2.15
CA LEU A 63 -3.32 -3.94 -2.24
C LEU A 63 -2.04 -4.26 -1.46
N HIS A 64 -1.12 -3.29 -1.36
CA HIS A 64 0.20 -3.48 -0.73
C HIS A 64 0.33 -2.82 0.62
N GLY A 65 -0.80 -2.51 1.24
CA GLY A 65 -0.82 -1.82 2.49
C GLY A 65 -0.84 -2.81 3.63
N PHE A 66 -0.76 -2.32 4.85
CA PHE A 66 -0.68 -3.22 5.98
C PHE A 66 -1.81 -3.08 6.99
N SER A 67 -2.95 -2.50 6.57
CA SER A 67 -4.17 -2.63 7.38
C SER A 67 -4.54 -4.11 7.49
N ASP A 68 -5.27 -4.47 8.53
CA ASP A 68 -5.63 -5.88 8.72
C ASP A 68 -6.42 -6.42 7.52
N ASP A 69 -7.29 -5.60 6.90
CA ASP A 69 -8.10 -6.10 5.77
C ASP A 69 -7.29 -6.40 4.54
N GLU A 70 -6.30 -5.54 4.30
CA GLU A 70 -5.31 -5.69 3.24
C GLU A 70 -4.48 -6.97 3.42
N GLN A 71 -4.03 -7.25 4.64
CA GLN A 71 -3.34 -8.50 4.95
C GLN A 71 -4.22 -9.70 4.68
N VAL A 72 -5.47 -9.66 5.12
CA VAL A 72 -6.41 -10.77 4.91
C VAL A 72 -6.68 -11.06 3.42
N VAL A 73 -6.89 -10.00 2.63
CA VAL A 73 -7.08 -10.13 1.19
C VAL A 73 -5.88 -10.81 0.54
N ARG A 74 -4.66 -10.37 0.82
CA ARG A 74 -3.44 -11.02 0.25
C ARG A 74 -3.29 -12.47 0.68
N HIS A 75 -3.59 -12.78 1.95
CA HIS A 75 -3.49 -14.17 2.41
C HIS A 75 -4.48 -15.05 1.66
N PHE A 76 -5.70 -14.54 1.53
CA PHE A 76 -6.73 -15.28 0.81
C PHE A 76 -6.34 -15.50 -0.64
N LEU A 77 -5.93 -14.45 -1.33
CA LEU A 77 -5.54 -14.52 -2.72
C LEU A 77 -4.34 -15.45 -2.93
N HIS A 78 -3.38 -15.40 -2.03
CA HIS A 78 -2.19 -16.25 -2.09
C HIS A 78 -2.55 -17.72 -2.00
N ASP A 79 -3.38 -18.06 -1.04
CA ASP A 79 -3.73 -19.45 -0.78
C ASP A 79 -4.97 -19.96 -1.46
N ASN A 80 -5.69 -19.09 -2.18
CA ASN A 80 -6.95 -19.45 -2.79
C ASN A 80 -7.06 -18.64 -4.06
N VAL A 81 -6.06 -18.74 -4.95
CA VAL A 81 -6.00 -17.89 -6.12
C VAL A 81 -7.31 -17.98 -6.91
N PRO A 82 -8.00 -16.84 -7.07
CA PRO A 82 -9.28 -16.85 -7.77
C PRO A 82 -9.09 -17.17 -9.24
N ASP A 83 -10.05 -17.89 -9.77
CA ASP A 83 -10.13 -18.12 -11.21
C ASP A 83 -10.51 -16.84 -11.92
N LEU A 84 -11.29 -15.99 -11.24
CA LEU A 84 -11.66 -14.66 -11.71
C LEU A 84 -11.76 -13.70 -10.54
N ALA A 85 -11.21 -12.52 -10.73
CA ALA A 85 -11.43 -11.34 -9.87
C ALA A 85 -12.46 -10.45 -10.53
N LEU A 86 -13.61 -10.33 -9.89
CA LEU A 86 -14.64 -9.46 -10.31
C LEU A 86 -14.47 -8.19 -9.47
N VAL A 87 -13.88 -7.19 -10.10
CA VAL A 87 -13.46 -5.97 -9.43
C VAL A 87 -14.59 -4.95 -9.57
N ILE A 88 -15.04 -4.46 -8.41
CA ILE A 88 -16.19 -3.57 -8.34
C ILE A 88 -15.73 -2.15 -8.08
N LEU A 89 -16.04 -1.25 -9.01
CA LEU A 89 -15.69 0.16 -8.87
C LEU A 89 -16.95 1.01 -8.86
N ASN A 90 -16.98 1.96 -7.93
CA ASN A 90 -18.05 2.94 -7.86
C ASN A 90 -17.83 4.00 -8.94
N ALA A 91 -18.67 4.00 -9.97
CA ALA A 91 -18.55 4.99 -11.06
C ALA A 91 -18.45 6.42 -10.52
N THR A 92 -19.26 6.74 -9.52
CA THR A 92 -19.30 8.10 -8.96
C THR A 92 -17.96 8.56 -8.39
N GLN A 93 -17.09 7.60 -8.04
CA GLN A 93 -15.78 7.88 -7.44
C GLN A 93 -14.62 7.27 -8.26
N ILE A 94 -14.80 7.14 -9.57
CA ILE A 94 -13.86 6.41 -10.45
C ILE A 94 -12.41 6.86 -10.35
N GLU A 95 -12.21 8.17 -10.20
CA GLU A 95 -10.88 8.74 -10.04
C GLU A 95 -10.16 8.21 -8.80
N ARG A 96 -10.91 7.98 -7.74
CA ARG A 96 -10.33 7.59 -6.47
C ARG A 96 -10.21 6.06 -6.34
N GLN A 97 -10.96 5.31 -7.17
CA GLN A 97 -11.00 3.84 -7.03
C GLN A 97 -10.17 3.07 -8.05
N MET A 98 -9.73 3.74 -9.13
CA MET A 98 -8.99 3.11 -10.22
C MET A 98 -7.71 2.41 -9.76
N SER A 99 -7.03 2.97 -8.75
CA SER A 99 -5.74 2.45 -8.30
C SER A 99 -5.77 0.98 -7.91
N LEU A 100 -6.86 0.55 -7.25
CA LEU A 100 -6.97 -0.83 -6.76
C LEU A 100 -7.06 -1.78 -7.93
N LEU A 101 -7.88 -1.42 -8.90
CA LEU A 101 -7.97 -2.17 -10.14
C LEU A 101 -6.60 -2.39 -10.80
N LEU A 102 -5.84 -1.31 -10.97
CA LEU A 102 -4.52 -1.38 -11.61
C LEU A 102 -3.51 -2.20 -10.78
N GLN A 103 -3.56 -2.06 -9.45
CA GLN A 103 -2.77 -2.94 -8.60
C GLN A 103 -3.08 -4.41 -8.81
N LEU A 104 -4.37 -4.75 -8.84
CA LEU A 104 -4.78 -6.12 -9.02
C LEU A 104 -4.38 -6.65 -10.40
N LYS A 105 -4.50 -5.82 -11.42
CA LYS A 105 -4.02 -6.18 -12.75
C LYS A 105 -2.51 -6.55 -12.75
N GLN A 106 -1.69 -5.81 -12.00
CA GLN A 106 -0.26 -6.11 -11.88
C GLN A 106 0.02 -7.43 -11.09
N LEU A 107 -0.97 -7.96 -10.39
CA LEU A 107 -0.86 -9.32 -9.84
C LEU A 107 -0.96 -10.42 -10.88
N ASN A 108 -1.30 -10.09 -12.11
CA ASN A 108 -1.50 -11.07 -13.16
C ASN A 108 -2.71 -12.00 -12.95
N MET A 109 -3.75 -11.48 -12.30
CA MET A 109 -5.01 -12.21 -12.15
C MET A 109 -5.89 -12.04 -13.37
N ASN A 110 -6.86 -12.93 -13.51
CA ASN A 110 -7.92 -12.87 -14.53
C ASN A 110 -9.03 -11.98 -13.92
N ILE A 111 -9.35 -10.89 -14.60
CA ILE A 111 -10.21 -9.84 -14.08
C ILE A 111 -11.35 -9.51 -15.05
N VAL A 112 -12.53 -9.20 -14.49
CA VAL A 112 -13.60 -8.51 -15.21
C VAL A 112 -13.96 -7.31 -14.30
N VAL A 113 -14.13 -6.14 -14.90
CA VAL A 113 -14.46 -4.93 -14.13
C VAL A 113 -15.97 -4.61 -14.19
N LEU A 114 -16.54 -4.33 -13.03
CA LEU A 114 -17.93 -3.88 -12.97
C LEU A 114 -17.97 -2.46 -12.46
N LEU A 115 -18.51 -1.55 -13.28
CA LEU A 115 -18.61 -0.14 -12.89
C LEU A 115 -19.99 0.07 -12.29
N ASN A 116 -20.03 0.11 -10.97
CA ASN A 116 -21.26 0.21 -10.19
C ASN A 116 -21.78 1.64 -10.13
N MET A 117 -23.04 1.81 -9.72
CA MET A 117 -23.63 3.13 -9.52
C MET A 117 -23.46 4.08 -10.71
N SER A 118 -23.55 3.54 -11.92
CA SER A 118 -23.26 4.32 -13.13
C SER A 118 -24.31 5.40 -13.41
N ASP A 119 -25.57 5.13 -13.05
CA ASP A 119 -26.64 6.12 -13.18
C ASP A 119 -26.46 7.30 -12.22
N GLU A 120 -26.17 6.99 -10.97
CA GLU A 120 -25.82 8.01 -10.00
C GLU A 120 -24.68 8.90 -10.53
N ALA A 121 -23.72 8.28 -11.20
CA ALA A 121 -22.60 9.02 -11.78
C ALA A 121 -23.11 10.01 -12.83
N LYS A 122 -23.93 9.52 -13.76
CA LYS A 122 -24.48 10.37 -14.83
C LYS A 122 -25.41 11.48 -14.29
N GLN A 123 -26.12 11.19 -13.20
CA GLN A 123 -26.89 12.21 -12.46
C GLN A 123 -25.99 13.34 -11.96
N TYR A 124 -24.77 13.02 -11.54
CA TYR A 124 -23.72 14.04 -11.39
C TYR A 124 -23.24 14.29 -12.82
N GLY A 125 -22.13 14.99 -13.01
CA GLY A 125 -21.66 15.26 -14.39
C GLY A 125 -20.65 14.27 -14.96
N ILE A 126 -20.70 13.03 -14.47
CA ILE A 126 -19.69 12.00 -14.76
C ILE A 126 -20.12 11.10 -15.92
N THR A 127 -19.33 11.10 -17.00
CA THR A 127 -19.58 10.18 -18.10
C THR A 127 -18.37 9.28 -18.33
N ILE A 128 -18.63 7.98 -18.44
CA ILE A 128 -17.58 6.98 -18.56
C ILE A 128 -17.75 6.17 -19.84
N ASP A 129 -16.69 6.12 -20.64
CA ASP A 129 -16.64 5.30 -21.84
C ASP A 129 -16.04 3.94 -21.47
N SER A 130 -16.90 2.99 -21.13
CA SER A 130 -16.44 1.66 -20.69
C SER A 130 -15.77 0.87 -21.81
N ARG A 131 -16.10 1.17 -23.07
CA ARG A 131 -15.40 0.52 -24.19
C ARG A 131 -13.95 0.99 -24.26
N LYS A 132 -13.73 2.29 -24.13
CA LYS A 132 -12.40 2.85 -24.11
C LYS A 132 -11.60 2.36 -22.90
N MET A 133 -12.23 2.35 -21.73
CA MET A 133 -11.57 1.85 -20.53
C MET A 133 -11.11 0.39 -20.74
N SER A 134 -12.02 -0.44 -21.27
CA SER A 134 -11.72 -1.83 -21.56
C SER A 134 -10.58 -1.96 -22.58
N GLU A 135 -10.68 -1.15 -23.63
CA GLU A 135 -9.64 -1.07 -24.65
C GLU A 135 -8.26 -0.79 -24.08
N LEU A 136 -8.14 0.19 -23.18
CA LEU A 136 -6.83 0.58 -22.63
C LEU A 136 -6.33 -0.38 -21.55
N LEU A 137 -7.25 -0.86 -20.73
CA LEU A 137 -6.92 -1.86 -19.70
C LEU A 137 -6.53 -3.25 -20.26
N GLN A 138 -7.08 -3.60 -21.42
CA GLN A 138 -7.09 -4.98 -21.93
C GLN A 138 -7.87 -5.93 -21.01
N ILE A 139 -8.97 -5.41 -20.45
CA ILE A 139 -9.82 -6.10 -19.50
C ILE A 139 -11.29 -5.78 -19.84
N PRO A 140 -12.18 -6.77 -19.79
CA PRO A 140 -13.62 -6.46 -19.98
C PRO A 140 -14.14 -5.49 -18.90
N VAL A 141 -14.93 -4.50 -19.31
CA VAL A 141 -15.48 -3.51 -18.39
C VAL A 141 -16.96 -3.34 -18.67
N PHE A 142 -17.80 -3.49 -17.64
CA PHE A 142 -19.25 -3.38 -17.79
C PHE A 142 -19.82 -2.43 -16.76
N GLN A 143 -20.80 -1.62 -17.20
CA GLN A 143 -21.50 -0.67 -16.33
C GLN A 143 -22.82 -1.24 -15.82
N LEU A 144 -23.06 -1.11 -14.52
CA LEU A 144 -24.31 -1.54 -13.90
C LEU A 144 -25.06 -0.32 -13.42
N SER A 145 -26.34 -0.25 -13.74
CA SER A 145 -27.18 0.89 -13.35
C SER A 145 -27.76 0.70 -11.95
N THR A 150 -29.62 -2.91 -15.07
CA THR A 150 -28.99 -2.96 -16.41
C THR A 150 -27.51 -3.31 -16.31
N GLY A 151 -27.02 -3.98 -17.34
CA GLY A 151 -25.61 -4.35 -17.46
C GLY A 151 -25.25 -5.67 -16.78
N TYR A 152 -26.17 -6.20 -15.98
CA TYR A 152 -25.91 -7.37 -15.13
C TYR A 152 -25.80 -8.67 -15.92
N GLN A 153 -26.72 -8.87 -16.87
CA GLN A 153 -26.74 -10.10 -17.67
C GLN A 153 -25.56 -10.15 -18.65
N GLU A 154 -25.15 -8.97 -19.14
CA GLU A 154 -23.98 -8.84 -19.97
C GLU A 154 -22.72 -9.14 -19.12
N ALA A 155 -22.73 -8.68 -17.88
CA ALA A 155 -21.62 -8.92 -16.96
C ALA A 155 -21.47 -10.42 -16.66
N LEU A 156 -22.58 -11.11 -16.40
CA LEU A 156 -22.54 -12.56 -16.15
C LEU A 156 -22.03 -13.34 -17.37
N GLN A 157 -22.42 -12.88 -18.55
CA GLN A 157 -21.97 -13.50 -19.81
C GLN A 157 -20.46 -13.46 -19.91
N ALA A 158 -19.91 -12.27 -19.67
CA ALA A 158 -18.45 -12.04 -19.64
C ALA A 158 -17.72 -12.85 -18.58
N VAL A 159 -18.37 -13.10 -17.46
CA VAL A 159 -17.83 -13.97 -16.42
C VAL A 159 -17.65 -15.39 -16.95
N THR A 160 -18.67 -15.91 -17.63
CA THR A 160 -18.60 -17.26 -18.17
C THR A 160 -17.49 -17.37 -19.19
N ARG A 161 -17.40 -16.38 -20.09
CA ARG A 161 -16.33 -16.36 -21.08
C ARG A 161 -14.94 -16.32 -20.45
N ALA A 162 -14.78 -15.54 -19.37
CA ALA A 162 -13.49 -15.39 -18.68
C ALA A 162 -13.10 -16.63 -17.88
N LEU A 163 -14.05 -17.52 -17.63
CA LEU A 163 -13.75 -18.79 -16.93
C LEU A 163 -13.64 -19.99 -17.87
N ARG A 164 -13.87 -19.76 -19.16
CA ARG A 164 -13.97 -20.88 -20.10
C ARG A 164 -12.66 -21.63 -20.30
N TYR A 165 -11.54 -20.88 -20.33
CA TYR A 165 -10.22 -21.46 -20.56
C TYR A 165 -9.25 -21.18 -19.40
N PRO A 166 -8.98 -22.20 -18.56
CA PRO A 166 -8.01 -21.98 -17.49
C PRO A 166 -6.63 -21.64 -18.04
N THR A 167 -5.79 -21.06 -17.18
CA THR A 167 -4.40 -20.75 -17.51
C THR A 167 -3.52 -21.55 -16.57
N PRO A 168 -2.89 -22.63 -17.09
CA PRO A 168 -1.87 -23.33 -16.33
C PRO A 168 -0.82 -22.36 -15.81
N GLY A 169 -0.39 -22.54 -14.56
CA GLY A 169 0.68 -21.72 -13.99
C GLY A 169 0.25 -20.34 -13.49
N MET A 170 -1.03 -19.99 -13.65
CA MET A 170 -1.47 -18.68 -13.15
C MET A 170 -1.49 -18.61 -11.61
N ALA A 171 -1.78 -19.69 -10.91
CA ALA A 171 -1.70 -19.64 -9.45
C ALA A 171 -0.26 -19.29 -9.01
N GLU A 172 0.74 -19.96 -9.58
CA GLU A 172 2.11 -19.68 -9.22
C GLU A 172 2.51 -18.25 -9.57
N ASN A 173 2.03 -17.75 -10.71
CA ASN A 173 2.27 -16.37 -11.10
C ASN A 173 1.74 -15.40 -10.05
N VAL A 174 0.44 -15.50 -9.74
CA VAL A 174 -0.18 -14.65 -8.71
C VAL A 174 0.53 -14.75 -7.35
N ARG A 175 0.77 -15.97 -6.88
CA ARG A 175 1.50 -16.16 -5.62
C ARG A 175 2.84 -15.42 -5.65
N THR A 176 3.53 -15.47 -6.79
CA THR A 176 4.83 -14.82 -6.94
C THR A 176 4.71 -13.30 -6.85
N GLN A 177 3.66 -12.73 -7.43
CA GLN A 177 3.50 -11.27 -7.38
C GLN A 177 3.17 -10.78 -5.97
N LEU A 178 2.65 -11.65 -5.11
CA LEU A 178 2.36 -11.32 -3.71
C LEU A 178 3.59 -11.45 -2.77
N GLU A 179 4.69 -12.02 -3.28
CA GLU A 179 5.74 -12.55 -2.39
C GLU A 179 6.42 -11.45 -1.62
N GLN A 180 6.66 -10.33 -2.28
CA GLN A 180 7.31 -9.18 -1.67
C GLN A 180 6.53 -8.64 -0.47
N ASP A 181 5.21 -8.49 -0.62
CA ASP A 181 4.37 -8.08 0.51
C ASP A 181 4.37 -9.14 1.58
N GLU A 182 4.31 -10.41 1.19
CA GLU A 182 4.35 -11.48 2.18
C GLU A 182 5.69 -11.52 2.96
N HIS A 183 6.78 -11.14 2.28
CA HIS A 183 8.09 -11.12 2.91
C HIS A 183 8.12 -10.04 4.00
N ILE A 184 7.69 -8.83 3.65
CA ILE A 184 7.57 -7.76 4.65
C ILE A 184 6.77 -8.22 5.87
N GLU A 185 5.63 -8.86 5.63
CA GLU A 185 4.77 -9.30 6.74
C GLU A 185 5.49 -10.35 7.62
N ALA A 186 6.17 -11.28 6.96
CA ALA A 186 6.87 -12.33 7.67
C ALA A 186 8.01 -11.74 8.54
N GLU A 187 8.79 -10.83 7.96
CA GLU A 187 9.79 -10.05 8.69
C GLU A 187 9.25 -9.25 9.88
N MET A 188 8.08 -8.61 9.72
CA MET A 188 7.41 -7.94 10.84
C MET A 188 7.17 -8.89 12.01
N VAL A 189 6.47 -9.99 11.71
CA VAL A 189 6.14 -11.00 12.71
C VAL A 189 7.42 -11.50 13.39
N ARG A 190 8.39 -11.83 12.55
CA ARG A 190 9.68 -12.37 13.00
C ARG A 190 10.37 -11.44 13.97
N ILE A 191 10.51 -10.18 13.57
CA ILE A 191 11.30 -9.23 14.34
C ILE A 191 10.56 -8.83 15.61
N LEU A 192 9.24 -8.66 15.50
CA LEU A 192 8.42 -8.30 16.66
C LEU A 192 8.39 -9.41 17.71
N LYS A 193 8.33 -10.67 17.27
CA LYS A 193 8.32 -11.81 18.19
C LYS A 193 9.61 -11.88 18.99
N SER A 194 10.74 -11.62 18.35
CA SER A 194 12.04 -11.68 19.00
C SER A 194 12.39 -10.45 19.83
N ALA A 195 12.20 -9.26 19.25
CA ALA A 195 12.73 -8.01 19.82
C ALA A 195 11.74 -7.24 20.68
N VAL A 196 10.46 -7.60 20.64
CA VAL A 196 9.44 -6.86 21.38
C VAL A 196 8.63 -7.78 22.32
N GLN A 197 8.59 -7.40 23.59
CA GLN A 197 7.88 -8.17 24.60
C GLN A 197 6.71 -7.33 25.09
N ILE A 198 5.55 -7.97 25.08
CA ILE A 198 4.25 -7.32 25.19
C ILE A 198 3.52 -7.88 26.41
N PRO A 199 2.50 -7.15 26.93
CA PRO A 199 1.82 -7.66 28.13
C PRO A 199 1.00 -8.93 27.87
N PHE B 3 24.61 19.45 -1.16
CA PHE B 3 24.81 18.90 0.22
C PHE B 3 24.33 17.48 0.32
N LYS B 4 24.72 16.80 1.40
CA LYS B 4 24.05 15.57 1.78
C LYS B 4 22.66 15.95 2.27
N ARG B 5 21.73 15.03 2.05
CA ARG B 5 20.34 15.24 2.36
C ARG B 5 19.83 14.10 3.23
N ILE B 6 19.14 14.46 4.30
CA ILE B 6 18.42 13.50 5.13
C ILE B 6 16.91 13.73 4.95
N ALA B 7 16.15 12.68 4.58
CA ALA B 7 14.68 12.72 4.57
C ALA B 7 14.15 12.24 5.90
N LEU B 8 13.41 13.09 6.60
CA LEU B 8 12.81 12.71 7.87
C LEU B 8 11.42 12.12 7.58
N LEU B 9 11.24 10.87 7.96
CA LEU B 9 10.07 10.09 7.59
C LEU B 9 9.46 9.46 8.83
N GLY B 10 8.13 9.52 8.94
CA GLY B 10 7.44 8.80 9.99
C GLY B 10 5.94 8.90 9.80
N MET B 11 5.18 8.22 10.66
CA MET B 11 3.72 8.38 10.67
C MET B 11 3.35 9.68 11.37
N PRO B 12 2.08 10.11 11.22
CA PRO B 12 1.68 11.31 11.92
C PRO B 12 1.75 11.08 13.43
N ASN B 13 1.94 12.15 14.20
CA ASN B 13 1.91 12.06 15.66
C ASN B 13 2.93 11.10 16.23
N THR B 14 4.16 11.19 15.71
CA THR B 14 5.31 10.43 16.18
C THR B 14 6.39 11.36 16.76
N GLY B 15 6.09 12.64 16.92
CA GLY B 15 7.07 13.62 17.40
C GLY B 15 8.06 14.10 16.34
N LYS B 16 7.69 13.94 15.08
CA LYS B 16 8.56 14.28 13.96
C LYS B 16 8.77 15.80 13.88
N SER B 17 7.70 16.58 14.04
CA SER B 17 7.82 18.04 14.01
C SER B 17 8.77 18.58 15.08
N THR B 18 8.63 18.07 16.31
CA THR B 18 9.47 18.58 17.41
C THR B 18 10.93 18.21 17.23
N LEU B 19 11.16 17.03 16.64
CA LEU B 19 12.52 16.58 16.37
C LEU B 19 13.18 17.43 15.28
N PHE B 20 12.46 17.66 14.17
CA PHE B 20 12.94 18.48 13.06
C PHE B 20 13.26 19.90 13.53
N ASN B 21 12.38 20.49 14.32
CA ASN B 21 12.66 21.79 14.97
C ASN B 21 13.96 21.76 15.75
N ARG B 22 14.20 20.69 16.52
CA ARG B 22 15.44 20.58 17.28
C ARG B 22 16.69 20.39 16.40
N MET B 23 16.64 19.46 15.45
CA MET B 23 17.77 19.22 14.58
C MET B 23 18.15 20.42 13.72
N THR B 24 17.18 21.26 13.38
CA THR B 24 17.44 22.42 12.51
C THR B 24 17.54 23.76 13.28
N GLY B 25 17.45 23.69 14.61
CA GLY B 25 17.59 24.86 15.48
C GLY B 25 16.62 26.02 15.23
N GLY B 26 15.44 25.73 14.69
CA GLY B 26 14.40 26.73 14.49
C GLY B 26 14.52 27.53 13.21
N ALA B 27 15.57 27.26 12.43
CA ALA B 27 15.92 28.04 11.24
C ALA B 27 15.45 27.43 9.90
N ALA B 28 14.57 26.43 9.93
CA ALA B 28 14.12 25.81 8.68
C ALA B 28 13.33 26.81 7.81
N ARG B 29 13.44 26.68 6.50
CA ARG B 29 12.71 27.52 5.57
C ARG B 29 11.96 26.70 4.54
N VAL B 30 10.94 27.29 3.92
CA VAL B 30 10.19 26.63 2.86
C VAL B 30 11.00 26.57 1.56
N GLY B 31 10.79 25.53 0.78
CA GLY B 31 11.55 25.33 -0.45
C GLY B 31 10.82 24.45 -1.44
N ASN B 32 11.14 24.62 -2.71
CA ASN B 32 10.58 23.79 -3.75
C ASN B 32 11.59 22.72 -4.11
N TRP B 33 11.08 21.59 -4.60
CA TRP B 33 11.91 20.43 -4.92
C TRP B 33 11.39 19.78 -6.18
N PRO B 34 12.30 19.21 -6.99
CA PRO B 34 11.89 18.56 -8.22
C PRO B 34 10.96 17.39 -7.95
N GLY B 35 9.88 17.29 -8.72
CA GLY B 35 8.96 16.15 -8.64
C GLY B 35 7.72 16.45 -7.83
N ILE B 36 7.74 17.54 -7.08
CA ILE B 36 6.57 17.96 -6.33
C ILE B 36 6.36 19.45 -6.50
N THR B 37 5.10 19.85 -6.45
CA THR B 37 4.72 21.26 -6.57
C THR B 37 4.52 21.93 -5.20
N VAL B 38 4.40 21.12 -4.15
CA VAL B 38 4.21 21.64 -2.80
C VAL B 38 5.55 22.11 -2.21
N GLU B 39 5.49 23.11 -1.33
CA GLU B 39 6.67 23.54 -0.57
C GLU B 39 6.87 22.65 0.66
N LEU B 40 8.12 22.29 0.91
CA LEU B 40 8.49 21.51 2.08
C LEU B 40 9.47 22.31 2.92
N LEU B 41 9.55 21.96 4.20
CA LEU B 41 10.46 22.61 5.11
C LEU B 41 11.78 21.83 5.21
N SER B 42 12.89 22.57 5.15
CA SER B 42 14.20 21.98 5.37
C SER B 42 15.13 22.97 6.07
N GLY B 43 16.14 22.43 6.75
CA GLY B 43 17.13 23.26 7.44
C GLY B 43 18.49 22.59 7.35
N LYS B 44 19.51 23.32 7.76
CA LYS B 44 20.88 22.82 7.79
C LYS B 44 21.30 22.34 9.18
N ILE B 45 22.24 21.40 9.17
CA ILE B 45 22.82 20.90 10.40
C ILE B 45 24.23 20.40 10.05
N LEU B 46 25.18 20.62 10.96
CA LEU B 46 26.54 20.11 10.78
C LEU B 46 26.62 18.78 11.46
N LEU B 47 26.89 17.75 10.68
CA LEU B 47 27.09 16.40 11.21
C LEU B 47 28.47 15.90 10.75
N GLY B 48 29.42 15.84 11.69
CA GLY B 48 30.80 15.50 11.39
C GLY B 48 31.40 16.44 10.37
N ALA B 49 31.85 15.86 9.26
CA ALA B 49 32.53 16.60 8.20
C ALA B 49 31.59 17.38 7.28
N ASP B 50 30.28 17.10 7.34
CA ASP B 50 29.33 17.60 6.33
C ASP B 50 28.26 18.53 6.84
N MET B 51 28.01 19.59 6.07
CA MET B 51 26.77 20.34 6.18
C MET B 51 25.67 19.51 5.50
N VAL B 52 24.64 19.16 6.27
CA VAL B 52 23.58 18.28 5.83
C VAL B 52 22.27 19.06 5.80
N GLU B 53 21.46 18.85 4.76
CA GLU B 53 20.13 19.43 4.69
C GLU B 53 19.11 18.37 5.14
N ILE B 54 18.31 18.68 6.15
CA ILE B 54 17.27 17.77 6.62
C ILE B 54 15.92 18.29 6.10
N ILE B 55 15.16 17.44 5.44
CA ILE B 55 13.86 17.80 4.89
C ILE B 55 12.76 17.08 5.68
N ASP B 56 11.77 17.84 6.14
CA ASP B 56 10.70 17.28 6.94
C ASP B 56 9.61 16.83 6.00
N LEU B 57 9.53 15.55 5.71
CA LEU B 57 8.43 15.06 4.86
C LEU B 57 7.08 14.89 5.65
N PRO B 58 5.94 15.09 4.96
CA PRO B 58 4.64 14.87 5.59
C PRO B 58 4.50 13.48 6.21
N GLY B 59 3.93 13.39 7.39
CA GLY B 59 3.60 12.10 7.98
C GLY B 59 2.72 11.26 7.07
N ILE B 60 3.05 9.97 6.96
CA ILE B 60 2.31 9.08 6.10
C ILE B 60 2.11 7.78 6.87
N TYR B 61 1.10 7.02 6.49
CA TYR B 61 0.79 5.71 7.07
C TYR B 61 1.24 4.56 6.19
N ASP B 62 1.15 4.74 4.88
CA ASP B 62 1.39 3.65 3.94
C ASP B 62 2.19 4.18 2.78
N LEU B 63 3.42 3.70 2.62
CA LEU B 63 4.31 4.19 1.54
C LEU B 63 3.68 4.08 0.15
N HIS B 64 2.84 3.06 -0.03
CA HIS B 64 2.22 2.79 -1.32
C HIS B 64 0.80 3.21 -1.44
N GLY B 65 0.31 4.02 -0.50
CA GLY B 65 -1.09 4.46 -0.48
C GLY B 65 -1.33 5.70 -1.34
N PHE B 66 -2.59 6.11 -1.47
CA PHE B 66 -2.94 7.18 -2.40
C PHE B 66 -3.51 8.43 -1.78
N SER B 67 -3.22 8.65 -0.50
CA SER B 67 -3.44 9.95 0.13
C SER B 67 -2.53 10.98 -0.53
N ASP B 68 -2.89 12.25 -0.40
CA ASP B 68 -2.12 13.32 -1.03
C ASP B 68 -0.70 13.35 -0.46
N ASP B 69 -0.59 13.13 0.85
CA ASP B 69 0.70 13.13 1.54
C ASP B 69 1.55 11.99 1.04
N GLU B 70 0.94 10.82 0.88
CA GLU B 70 1.68 9.62 0.46
C GLU B 70 2.23 9.82 -0.96
N GLN B 71 1.43 10.45 -1.82
CA GLN B 71 1.87 10.70 -3.19
C GLN B 71 3.04 11.68 -3.23
N VAL B 72 2.98 12.74 -2.42
CA VAL B 72 4.10 13.66 -2.29
C VAL B 72 5.39 12.99 -1.78
N VAL B 73 5.33 12.18 -0.71
CA VAL B 73 6.50 11.47 -0.22
C VAL B 73 7.12 10.59 -1.31
N ARG B 74 6.30 9.85 -2.06
CA ARG B 74 6.84 8.96 -3.11
C ARG B 74 7.46 9.76 -4.23
N HIS B 75 6.77 10.84 -4.64
CA HIS B 75 7.31 11.71 -5.68
C HIS B 75 8.59 12.38 -5.25
N PHE B 76 8.64 12.87 -4.02
CA PHE B 76 9.86 13.47 -3.50
C PHE B 76 11.05 12.52 -3.50
N LEU B 77 10.82 11.33 -2.95
CA LEU B 77 11.85 10.32 -2.86
C LEU B 77 12.35 9.89 -4.25
N HIS B 78 11.45 9.75 -5.19
CA HIS B 78 11.88 9.33 -6.52
C HIS B 78 12.84 10.33 -7.17
N ASP B 79 12.55 11.62 -7.03
CA ASP B 79 13.31 12.65 -7.71
C ASP B 79 14.43 13.23 -6.85
N ASN B 80 14.48 12.88 -5.55
CA ASN B 80 15.46 13.40 -4.59
C ASN B 80 15.88 12.32 -3.61
N VAL B 81 16.57 11.30 -4.11
CA VAL B 81 16.91 10.17 -3.27
C VAL B 81 17.82 10.61 -2.14
N PRO B 82 17.40 10.40 -0.89
CA PRO B 82 18.20 10.93 0.19
C PRO B 82 19.42 10.07 0.48
N ASP B 83 20.49 10.72 0.93
CA ASP B 83 21.66 10.03 1.45
C ASP B 83 21.32 9.16 2.65
N LEU B 84 20.34 9.60 3.45
CA LEU B 84 19.90 8.85 4.62
C LEU B 84 18.40 9.12 4.80
N ALA B 85 17.62 8.06 4.97
CA ALA B 85 16.26 8.20 5.46
C ALA B 85 16.28 8.02 6.96
N LEU B 86 15.84 9.06 7.68
CA LEU B 86 15.79 9.00 9.13
C LEU B 86 14.34 8.74 9.51
N VAL B 87 14.08 7.55 10.02
CA VAL B 87 12.70 7.07 10.19
C VAL B 87 12.28 7.09 11.64
N ILE B 88 11.22 7.85 11.95
CA ILE B 88 10.75 8.04 13.32
C ILE B 88 9.46 7.24 13.55
N LEU B 89 9.50 6.30 14.47
CA LEU B 89 8.33 5.52 14.88
C LEU B 89 7.93 5.82 16.33
N ASN B 90 6.65 5.63 16.63
CA ASN B 90 6.13 5.74 17.97
C ASN B 90 6.25 4.39 18.63
N ALA B 91 7.12 4.29 19.64
CA ALA B 91 7.45 3.02 20.30
C ALA B 91 6.24 2.27 20.85
N THR B 92 5.26 3.02 21.35
CA THR B 92 4.03 2.44 21.90
C THR B 92 3.17 1.78 20.83
N GLN B 93 3.37 2.18 19.57
CA GLN B 93 2.67 1.62 18.45
C GLN B 93 3.62 0.84 17.53
N ILE B 94 4.67 0.29 18.11
CA ILE B 94 5.69 -0.38 17.34
C ILE B 94 5.16 -1.61 16.60
N GLU B 95 4.16 -2.27 17.19
CA GLU B 95 3.62 -3.51 16.61
C GLU B 95 2.97 -3.27 15.23
N ARG B 96 2.45 -2.08 15.00
CA ARG B 96 1.92 -1.74 13.68
C ARG B 96 2.89 -0.92 12.84
N GLN B 97 3.52 0.08 13.46
CA GLN B 97 4.34 1.07 12.75
C GLN B 97 5.58 0.50 12.09
N MET B 98 5.99 -0.69 12.51
CA MET B 98 7.02 -1.44 11.84
C MET B 98 6.75 -1.57 10.34
N SER B 99 5.48 -1.56 9.93
CA SER B 99 5.13 -1.72 8.52
C SER B 99 5.76 -0.64 7.65
N LEU B 100 5.73 0.62 8.07
CA LEU B 100 6.29 1.69 7.24
C LEU B 100 7.82 1.58 7.10
N LEU B 101 8.48 1.18 8.20
CA LEU B 101 9.91 0.98 8.21
C LEU B 101 10.29 -0.09 7.21
N LEU B 102 9.58 -1.21 7.25
CA LEU B 102 9.86 -2.28 6.32
C LEU B 102 9.53 -1.94 4.86
N GLN B 103 8.50 -1.11 4.61
CA GLN B 103 8.22 -0.63 3.25
C GLN B 103 9.38 0.24 2.75
N LEU B 104 9.86 1.11 3.61
CA LEU B 104 10.98 1.97 3.28
C LEU B 104 12.29 1.17 3.09
N LYS B 105 12.56 0.18 3.95
CA LYS B 105 13.69 -0.74 3.74
C LYS B 105 13.63 -1.40 2.35
N GLN B 106 12.44 -1.80 1.93
CA GLN B 106 12.25 -2.46 0.65
C GLN B 106 12.63 -1.61 -0.57
N LEU B 107 12.64 -0.28 -0.44
CA LEU B 107 13.13 0.60 -1.49
C LEU B 107 14.67 0.55 -1.63
N ASN B 108 15.36 -0.09 -0.69
CA ASN B 108 16.82 -0.21 -0.68
C ASN B 108 17.46 1.10 -0.32
N MET B 109 16.82 1.82 0.60
CA MET B 109 17.37 3.06 1.11
C MET B 109 18.37 2.81 2.23
N ASN B 110 19.12 3.86 2.56
CA ASN B 110 20.03 3.89 3.68
C ASN B 110 19.26 4.47 4.88
N ILE B 111 19.05 3.69 5.94
CA ILE B 111 18.11 4.06 6.99
C ILE B 111 18.71 4.05 8.41
N VAL B 112 18.30 5.02 9.22
CA VAL B 112 18.45 4.92 10.65
C VAL B 112 17.06 5.10 11.26
N VAL B 113 16.72 4.24 12.20
CA VAL B 113 15.41 4.27 12.88
C VAL B 113 15.50 4.87 14.27
N LEU B 114 14.63 5.82 14.56
CA LEU B 114 14.47 6.35 15.91
C LEU B 114 13.11 5.92 16.47
N LEU B 115 13.14 5.26 17.63
CA LEU B 115 11.91 4.88 18.30
C LEU B 115 11.66 5.94 19.36
N ASN B 116 10.68 6.79 19.09
CA ASN B 116 10.34 7.86 19.99
C ASN B 116 9.38 7.35 21.07
N MET B 117 9.26 8.12 22.16
CA MET B 117 8.37 7.80 23.27
C MET B 117 8.67 6.41 23.86
N SER B 118 9.95 6.10 24.03
CA SER B 118 10.37 4.78 24.47
C SER B 118 10.04 4.53 25.93
N ASP B 119 10.10 5.59 26.74
CA ASP B 119 9.63 5.58 28.13
C ASP B 119 8.14 5.22 28.26
N GLU B 120 7.28 5.94 27.52
CA GLU B 120 5.83 5.64 27.53
C GLU B 120 5.59 4.18 27.19
N ALA B 121 6.32 3.69 26.19
CA ALA B 121 6.19 2.31 25.77
C ALA B 121 6.52 1.37 26.92
N LYS B 122 7.64 1.61 27.61
CA LYS B 122 8.02 0.77 28.73
C LYS B 122 6.94 0.74 29.83
N GLN B 123 6.33 1.88 30.13
CA GLN B 123 5.24 1.94 31.11
C GLN B 123 3.97 1.22 30.66
N TYR B 124 3.70 1.22 29.35
CA TYR B 124 2.62 0.42 28.75
C TYR B 124 2.92 -1.08 28.83
N GLY B 125 4.13 -1.44 29.28
CA GLY B 125 4.53 -2.83 29.34
C GLY B 125 5.09 -3.34 28.03
N ILE B 126 5.41 -2.41 27.12
CA ILE B 126 6.06 -2.75 25.86
C ILE B 126 7.57 -2.62 26.07
N THR B 127 8.26 -3.76 26.10
CA THR B 127 9.71 -3.80 26.24
C THR B 127 10.34 -4.05 24.87
N ILE B 128 11.02 -3.04 24.34
CA ILE B 128 11.72 -3.14 23.04
C ILE B 128 13.21 -3.29 23.27
N ASP B 129 13.80 -4.33 22.68
CA ASP B 129 15.23 -4.58 22.74
C ASP B 129 15.82 -4.08 21.42
N SER B 130 16.29 -2.83 21.44
CA SER B 130 16.66 -2.13 20.21
C SER B 130 17.93 -2.67 19.57
N ARG B 131 18.84 -3.24 20.36
CA ARG B 131 20.05 -3.88 19.80
C ARG B 131 19.68 -5.09 18.98
N LYS B 132 18.81 -5.92 19.56
CA LYS B 132 18.34 -7.10 18.89
C LYS B 132 17.55 -6.70 17.63
N MET B 133 16.70 -5.67 17.75
CA MET B 133 15.92 -5.19 16.59
C MET B 133 16.84 -4.68 15.48
N SER B 134 17.86 -3.95 15.88
CA SER B 134 18.87 -3.46 14.94
C SER B 134 19.58 -4.61 14.20
N GLU B 135 19.94 -5.64 14.94
CA GLU B 135 20.60 -6.81 14.38
C GLU B 135 19.74 -7.50 13.33
N LEU B 136 18.48 -7.75 13.68
CA LEU B 136 17.56 -8.50 12.83
C LEU B 136 17.20 -7.71 11.57
N LEU B 137 17.07 -6.40 11.71
CA LEU B 137 16.81 -5.51 10.56
C LEU B 137 18.08 -5.20 9.76
N GLN B 138 19.24 -5.32 10.39
CA GLN B 138 20.50 -4.77 9.85
C GLN B 138 20.36 -3.29 9.50
N ILE B 139 19.79 -2.55 10.44
CA ILE B 139 19.51 -1.12 10.36
C ILE B 139 19.76 -0.62 11.78
N PRO B 140 20.50 0.49 11.94
CA PRO B 140 20.67 0.96 13.32
C PRO B 140 19.36 1.47 13.90
N VAL B 141 19.08 1.15 15.16
CA VAL B 141 17.85 1.53 15.83
C VAL B 141 18.22 2.19 17.16
N PHE B 142 17.65 3.37 17.41
CA PHE B 142 17.89 4.10 18.66
C PHE B 142 16.60 4.59 19.30
N GLN B 143 16.52 4.47 20.62
CA GLN B 143 15.33 4.85 21.34
C GLN B 143 15.51 6.25 21.89
N LEU B 144 14.45 7.05 21.81
CA LEU B 144 14.43 8.41 22.37
C LEU B 144 13.35 8.52 23.42
N SER B 145 13.59 9.36 24.42
CA SER B 145 12.57 9.73 25.41
C SER B 145 12.85 11.10 25.99
N THR B 150 17.87 9.75 27.14
CA THR B 150 17.19 10.62 26.18
C THR B 150 17.47 10.15 24.76
N GLY B 151 18.74 9.79 24.49
CA GLY B 151 19.13 9.06 23.27
C GLY B 151 19.43 9.87 22.00
N TYR B 152 19.36 11.19 22.12
CA TYR B 152 19.50 12.08 20.95
C TYR B 152 20.93 12.15 20.39
N GLN B 153 21.90 12.36 21.29
CA GLN B 153 23.31 12.42 20.92
C GLN B 153 23.78 11.14 20.22
N GLU B 154 23.47 10.00 20.83
CA GLU B 154 23.83 8.69 20.27
C GLU B 154 23.18 8.46 18.91
N ALA B 155 21.90 8.83 18.80
CA ALA B 155 21.20 8.73 17.53
C ALA B 155 21.92 9.54 16.46
N LEU B 156 22.29 10.78 16.80
CA LEU B 156 22.94 11.67 15.81
C LEU B 156 24.36 11.24 15.43
N GLN B 157 25.05 10.53 16.31
CA GLN B 157 26.37 9.98 15.97
C GLN B 157 26.21 8.82 15.01
N ALA B 158 25.14 8.01 15.20
CA ALA B 158 24.85 6.93 14.24
C ALA B 158 24.47 7.49 12.87
N VAL B 159 23.77 8.61 12.86
CA VAL B 159 23.41 9.28 11.62
C VAL B 159 24.67 9.72 10.88
N THR B 160 25.58 10.37 11.61
CA THR B 160 26.88 10.75 11.07
C THR B 160 27.65 9.57 10.51
N ARG B 161 27.69 8.45 11.25
CA ARG B 161 28.31 7.22 10.76
C ARG B 161 27.63 6.64 9.50
N ALA B 162 26.30 6.65 9.49
CA ALA B 162 25.54 6.14 8.35
C ALA B 162 25.72 7.00 7.09
N LEU B 163 26.27 8.21 7.24
CA LEU B 163 26.62 9.05 6.10
C LEU B 163 28.02 8.82 5.50
N ARG B 164 28.87 8.03 6.18
CA ARG B 164 30.26 7.83 5.75
C ARG B 164 30.47 6.85 4.58
N TYR B 165 29.87 5.67 4.65
CA TYR B 165 30.16 4.59 3.68
C TYR B 165 29.53 4.83 2.31
N PRO B 166 30.13 4.26 1.26
CA PRO B 166 29.55 4.41 -0.05
C PRO B 166 28.21 3.70 -0.22
N THR B 167 27.36 4.30 -1.04
CA THR B 167 26.07 3.75 -1.38
C THR B 167 25.96 3.85 -2.87
N PRO B 168 26.87 3.17 -3.60
CA PRO B 168 26.87 3.30 -5.05
C PRO B 168 25.65 2.63 -5.69
N GLY B 169 25.10 3.27 -6.72
CA GLY B 169 23.88 2.78 -7.35
C GLY B 169 22.58 2.97 -6.55
N MET B 170 22.65 3.51 -5.33
CA MET B 170 21.47 3.57 -4.47
C MET B 170 20.35 4.36 -5.11
N ALA B 171 20.69 5.52 -5.68
CA ALA B 171 19.70 6.41 -6.26
C ALA B 171 18.93 5.67 -7.33
N GLU B 172 19.69 4.96 -8.18
CA GLU B 172 19.15 4.11 -9.23
C GLU B 172 18.28 2.99 -8.68
N ASN B 173 18.76 2.32 -7.63
CA ASN B 173 17.96 1.29 -6.93
C ASN B 173 16.66 1.82 -6.36
N VAL B 174 16.71 2.97 -5.71
CA VAL B 174 15.51 3.53 -5.09
C VAL B 174 14.48 3.88 -6.15
N ARG B 175 14.91 4.56 -7.21
CA ARG B 175 14.03 4.87 -8.34
C ARG B 175 13.43 3.62 -8.96
N THR B 176 14.23 2.57 -9.13
CA THR B 176 13.75 1.32 -9.71
C THR B 176 12.64 0.71 -8.84
N GLN B 177 12.84 0.76 -7.53
CA GLN B 177 11.85 0.21 -6.60
C GLN B 177 10.56 1.00 -6.57
N LEU B 178 10.61 2.29 -6.92
CA LEU B 178 9.43 3.15 -6.96
C LEU B 178 8.70 3.13 -8.31
N GLU B 179 9.23 2.41 -9.30
CA GLU B 179 8.68 2.46 -10.67
C GLU B 179 7.42 1.62 -10.79
N GLN B 180 7.22 0.66 -9.90
CA GLN B 180 5.97 -0.04 -9.81
C GLN B 180 4.88 0.98 -9.52
N ASP B 181 5.11 1.81 -8.50
CA ASP B 181 4.13 2.82 -8.08
C ASP B 181 3.88 3.82 -9.20
N GLU B 182 4.95 4.26 -9.87
CA GLU B 182 4.83 5.24 -10.94
C GLU B 182 4.11 4.65 -12.17
N HIS B 183 4.26 3.35 -12.42
CA HIS B 183 3.51 2.69 -13.50
C HIS B 183 1.99 2.71 -13.22
N ILE B 184 1.59 2.44 -11.98
CA ILE B 184 0.18 2.54 -11.57
C ILE B 184 -0.36 3.95 -11.80
N GLU B 185 0.40 4.93 -11.35
CA GLU B 185 0.00 6.33 -11.49
C GLU B 185 -0.08 6.78 -12.95
N ALA B 186 0.89 6.34 -13.76
CA ALA B 186 0.90 6.64 -15.21
C ALA B 186 -0.33 6.04 -15.89
N GLU B 187 -0.60 4.76 -15.61
CA GLU B 187 -1.80 4.11 -16.16
C GLU B 187 -3.09 4.79 -15.72
N MET B 188 -3.17 5.17 -14.45
CA MET B 188 -4.36 5.84 -13.89
C MET B 188 -4.69 7.10 -14.68
N VAL B 189 -3.67 7.94 -14.88
CA VAL B 189 -3.81 9.17 -15.66
C VAL B 189 -4.28 8.92 -17.08
N ARG B 190 -3.59 8.01 -17.76
CA ARG B 190 -3.85 7.62 -19.13
C ARG B 190 -5.31 7.24 -19.33
N ILE B 191 -5.80 6.34 -18.49
CA ILE B 191 -7.15 5.83 -18.62
C ILE B 191 -8.19 6.87 -18.22
N LEU B 192 -7.94 7.60 -17.13
CA LEU B 192 -8.86 8.64 -16.69
C LEU B 192 -9.03 9.77 -17.72
N LYS B 193 -7.93 10.16 -18.37
CA LYS B 193 -7.98 11.21 -19.39
C LYS B 193 -8.82 10.79 -20.59
N SER B 194 -8.56 9.59 -21.06
CA SER B 194 -9.12 9.12 -22.31
C SER B 194 -10.57 8.63 -22.18
N ALA B 195 -10.90 8.01 -21.04
CA ALA B 195 -12.17 7.29 -20.87
C ALA B 195 -13.22 7.96 -19.98
N VAL B 196 -12.81 8.96 -19.19
CA VAL B 196 -13.68 9.56 -18.17
C VAL B 196 -13.71 11.08 -18.25
N GLN B 197 -14.92 11.64 -18.22
CA GLN B 197 -15.10 13.09 -18.18
C GLN B 197 -15.81 13.47 -16.89
N ILE B 198 -15.09 14.17 -16.02
CA ILE B 198 -15.62 14.65 -14.75
C ILE B 198 -15.49 16.18 -14.72
N PRO B 199 -16.55 16.90 -14.27
CA PRO B 199 -16.60 18.37 -14.39
C PRO B 199 -15.37 19.09 -13.84
#